data_6JVK
#
_entry.id   6JVK
#
_cell.length_a   59.028
_cell.length_b   67.780
_cell.length_c   79.592
_cell.angle_alpha   90.000
_cell.angle_beta   90.000
_cell.angle_gamma   90.000
#
_symmetry.space_group_name_H-M   'P 21 21 21'
#
loop_
_entity.id
_entity.type
_entity.pdbx_description
1 polymer '7,8-dihydro-8-oxoguanine triphosphatase'
2 non-polymer N4-methyl-6-(4-methylpiperazin-1-yl)pyrimidine-2,4-diamine
3 water water
#
_entity_poly.entity_id   1
_entity_poly.type   'polypeptide(L)'
_entity_poly.pdbx_seq_one_letter_code
;MGASRLYTLVLVLQPQRVLLGMKKRGFGAGRWNGFGGKVQEGETIEDGARRELQEESGLTVDALHKVGQIVFEFVGEPEL
MDVHVFCTDSIQGTPVESDEMRPCWFQLDQIPFKDMWPDDSYWFPLLLQKKKFHGYFKFQGQDTILDYTLREVDTV
;
_entity_poly.pdbx_strand_id   A,B
#
# COMPACT_ATOMS: atom_id res chain seq x y z
N ALA A 3 4.63 -13.32 15.73
CA ALA A 3 5.99 -13.81 15.54
C ALA A 3 6.42 -13.70 14.07
N SER A 4 7.59 -13.11 13.86
CA SER A 4 8.12 -12.96 12.52
C SER A 4 9.59 -13.39 12.52
N ARG A 5 10.14 -13.60 11.35
CA ARG A 5 11.51 -14.05 11.20
C ARG A 5 12.21 -13.06 10.28
N LEU A 6 13.43 -12.67 10.64
CA LEU A 6 14.20 -11.68 9.91
C LEU A 6 14.88 -12.25 8.65
N TYR A 7 14.75 -11.56 7.54
CA TYR A 7 15.45 -11.91 6.31
C TYR A 7 16.07 -10.67 5.69
N THR A 8 17.01 -10.89 4.78
CA THR A 8 17.65 -9.79 4.07
C THR A 8 17.46 -9.97 2.57
N LEU A 9 17.50 -8.84 1.87
CA LEU A 9 17.50 -8.76 0.41
C LEU A 9 18.37 -7.56 -0.01
N VAL A 10 19.32 -7.81 -0.91
CA VAL A 10 20.31 -6.81 -1.32
C VAL A 10 20.29 -6.61 -2.83
N LEU A 11 20.09 -5.35 -3.23
CA LEU A 11 20.12 -4.93 -4.61
C LEU A 11 21.31 -4.03 -4.93
N VAL A 12 22.15 -4.50 -5.83
CA VAL A 12 23.27 -3.71 -6.32
C VAL A 12 22.81 -2.90 -7.52
N LEU A 13 22.61 -1.61 -7.29
CA LEU A 13 21.99 -0.73 -8.26
C LEU A 13 22.96 0.35 -8.72
N GLN A 14 23.35 0.26 -10.00
CA GLN A 14 24.29 1.18 -10.60
C GLN A 14 23.53 2.05 -11.60
N PRO A 15 24.09 3.23 -11.97
CA PRO A 15 23.38 4.22 -12.78
C PRO A 15 22.60 3.64 -13.97
N GLN A 16 23.11 2.61 -14.63
CA GLN A 16 22.39 2.09 -15.78
C GLN A 16 22.08 0.59 -15.71
N ARG A 17 22.24 -0.02 -14.54
CA ARG A 17 22.06 -1.46 -14.47
C ARG A 17 21.87 -1.95 -13.04
N VAL A 18 21.15 -3.05 -12.90
CA VAL A 18 20.94 -3.64 -11.59
C VAL A 18 21.39 -5.09 -11.63
N LEU A 19 22.00 -5.54 -10.54
CA LEU A 19 22.48 -6.91 -10.46
C LEU A 19 21.42 -7.82 -9.90
N LEU A 20 21.14 -8.90 -10.61
CA LEU A 20 20.19 -9.89 -10.07
C LEU A 20 20.83 -11.28 -10.10
N GLY A 21 20.28 -12.20 -9.30
CA GLY A 21 20.69 -13.58 -9.30
C GLY A 21 19.51 -14.51 -9.56
N MET A 22 19.74 -15.50 -10.42
CA MET A 22 18.77 -16.55 -10.69
C MET A 22 18.94 -17.61 -9.60
N LYS A 23 17.89 -17.78 -8.78
CA LYS A 23 17.90 -18.72 -7.67
C LYS A 23 17.83 -20.16 -8.23
N LYS A 24 18.81 -20.97 -7.88
CA LYS A 24 19.01 -22.28 -8.50
C LYS A 24 18.42 -23.44 -7.71
N ARG A 25 18.19 -23.22 -6.42
CA ARG A 25 17.61 -24.26 -5.56
C ARG A 25 16.82 -23.62 -4.42
N GLY A 26 16.05 -24.44 -3.72
CA GLY A 26 15.37 -23.97 -2.52
C GLY A 26 14.18 -23.04 -2.78
N PHE A 27 13.89 -22.23 -1.77
CA PHE A 27 12.78 -21.29 -1.84
C PHE A 27 12.95 -20.24 -2.95
N GLY A 28 12.00 -20.17 -3.86
CA GLY A 28 12.03 -19.19 -4.92
C GLY A 28 12.92 -19.56 -6.11
N ALA A 29 13.34 -20.82 -6.16
CA ALA A 29 14.16 -21.33 -7.26
C ALA A 29 13.48 -21.07 -8.60
N GLY A 30 14.24 -20.54 -9.56
CA GLY A 30 13.69 -20.27 -10.89
C GLY A 30 13.32 -18.80 -11.05
N ARG A 31 13.50 -18.01 -10.01
CA ARG A 31 13.23 -16.58 -10.10
C ARG A 31 14.49 -15.72 -9.90
N TRP A 32 14.60 -14.66 -10.68
CA TRP A 32 15.61 -13.64 -10.46
C TRP A 32 15.27 -12.90 -9.18
N ASN A 33 16.28 -12.49 -8.42
CA ASN A 33 16.08 -11.78 -7.14
C ASN A 33 17.38 -11.09 -6.69
N GLY A 34 17.28 -10.23 -5.70
CA GLY A 34 18.47 -9.68 -5.07
C GLY A 34 19.06 -10.78 -4.22
N PHE A 35 20.18 -10.51 -3.56
CA PHE A 35 20.85 -11.58 -2.78
C PHE A 35 20.47 -11.51 -1.31
N GLY A 36 20.39 -12.63 -0.63
CA GLY A 36 20.00 -12.56 0.76
C GLY A 36 19.60 -13.86 1.39
N GLY A 37 18.93 -13.78 2.53
CA GLY A 37 18.67 -14.99 3.29
C GLY A 37 18.28 -14.73 4.74
N LYS A 38 18.30 -15.79 5.55
CA LYS A 38 17.99 -15.68 6.95
C LYS A 38 19.07 -14.87 7.70
N VAL A 39 18.63 -14.07 8.66
CA VAL A 39 19.53 -13.42 9.58
C VAL A 39 19.79 -14.39 10.74
N GLN A 40 21.06 -14.63 11.04
CA GLN A 40 21.43 -15.59 12.06
C GLN A 40 21.36 -14.97 13.45
N GLU A 41 21.18 -15.80 14.46
CA GLU A 41 21.44 -15.35 15.82
C GLU A 41 22.90 -14.93 15.90
N GLY A 42 23.16 -13.76 16.50
CA GLY A 42 24.52 -13.32 16.74
C GLY A 42 25.10 -12.39 15.69
N GLU A 43 24.32 -12.04 14.67
CA GLU A 43 24.76 -11.06 13.68
C GLU A 43 23.67 -9.98 13.50
N THR A 44 24.09 -8.76 13.17
CA THR A 44 23.13 -7.71 12.87
C THR A 44 22.42 -8.03 11.55
N ILE A 45 21.33 -7.35 11.29
CA ILE A 45 20.63 -7.53 10.03
C ILE A 45 21.56 -7.18 8.87
N GLU A 46 22.26 -6.04 8.99
CA GLU A 46 23.17 -5.62 7.93
C GLU A 46 24.34 -6.58 7.72
N ASP A 47 24.94 -7.04 8.82
CA ASP A 47 26.00 -8.04 8.71
C ASP A 47 25.48 -9.31 8.00
N GLY A 48 24.26 -9.73 8.32
CA GLY A 48 23.66 -10.86 7.64
C GLY A 48 23.50 -10.61 6.15
N ALA A 49 23.09 -9.39 5.78
CA ALA A 49 22.94 -9.01 4.38
C ALA A 49 24.30 -9.10 3.65
N ARG A 50 25.34 -8.56 4.28
CA ARG A 50 26.69 -8.63 3.73
C ARG A 50 27.15 -10.07 3.57
N ARG A 51 26.90 -10.88 4.59
CA ARG A 51 27.30 -12.27 4.58
C ARG A 51 26.64 -12.97 3.40
N GLU A 52 25.33 -12.78 3.25
CA GLU A 52 24.61 -13.47 2.18
C GLU A 52 25.04 -12.99 0.79
N LEU A 53 25.30 -11.70 0.65
CA LEU A 53 25.86 -11.19 -0.61
C LEU A 53 27.17 -11.91 -0.95
N GLN A 54 28.05 -12.01 0.05
CA GLN A 54 29.33 -12.72 -0.16
C GLN A 54 29.10 -14.20 -0.51
N GLU A 55 28.29 -14.92 0.27
CA GLU A 55 28.07 -16.35 0.02
C GLU A 55 27.46 -16.60 -1.37
N GLU A 56 26.53 -15.76 -1.79
CA GLU A 56 25.77 -15.99 -3.02
C GLU A 56 26.40 -15.41 -4.30
N SER A 57 27.24 -14.39 -4.18
CA SER A 57 27.84 -13.77 -5.38
C SER A 57 29.34 -13.60 -5.27
N GLY A 58 29.88 -13.79 -4.08
CA GLY A 58 31.32 -13.55 -3.86
C GLY A 58 31.65 -12.08 -3.62
N LEU A 59 30.65 -11.21 -3.74
CA LEU A 59 30.87 -9.76 -3.65
C LEU A 59 30.96 -9.25 -2.22
N THR A 60 31.80 -8.24 -2.02
CA THR A 60 31.76 -7.48 -0.78
C THR A 60 31.43 -6.05 -1.12
N VAL A 61 31.04 -5.28 -0.12
CA VAL A 61 30.54 -3.95 -0.34
C VAL A 61 31.12 -2.99 0.70
N ASP A 62 31.29 -1.72 0.32
CA ASP A 62 31.76 -0.72 1.26
C ASP A 62 30.62 -0.33 2.22
N ALA A 63 29.53 0.17 1.66
CA ALA A 63 28.38 0.60 2.45
C ALA A 63 27.07 0.04 1.92
N LEU A 64 26.23 -0.48 2.82
CA LEU A 64 24.86 -0.89 2.48
C LEU A 64 23.85 0.14 2.96
N HIS A 65 22.89 0.51 2.12
CA HIS A 65 21.85 1.45 2.56
C HIS A 65 20.49 0.78 2.70
N LYS A 66 19.82 1.05 3.82
CA LYS A 66 18.44 0.60 4.03
C LYS A 66 17.50 1.34 3.09
N VAL A 67 16.81 0.61 2.22
CA VAL A 67 15.88 1.25 1.31
C VAL A 67 14.46 0.72 1.49
N GLY A 68 14.30 -0.43 2.15
CA GLY A 68 12.95 -0.92 2.33
C GLY A 68 12.68 -1.95 3.40
N GLN A 69 11.40 -2.16 3.68
CA GLN A 69 10.98 -3.29 4.49
C GLN A 69 9.75 -3.90 3.88
N ILE A 70 9.78 -5.22 3.71
CA ILE A 70 8.61 -5.91 3.21
C ILE A 70 8.25 -7.07 4.12
N VAL A 71 7.00 -7.08 4.59
CA VAL A 71 6.47 -8.17 5.39
C VAL A 71 5.60 -9.09 4.53
N PHE A 72 5.86 -10.39 4.64
CA PHE A 72 5.08 -11.39 3.93
C PHE A 72 4.33 -12.33 4.85
N GLU A 73 3.05 -12.49 4.56
CA GLU A 73 2.27 -13.59 5.13
C GLU A 73 2.05 -14.64 4.06
N PHE A 74 2.30 -15.89 4.41
CA PHE A 74 1.93 -17.01 3.57
C PHE A 74 0.79 -17.74 4.27
N VAL A 75 -0.35 -17.85 3.59
CA VAL A 75 -1.53 -18.49 4.13
C VAL A 75 -1.15 -19.85 4.72
N GLY A 76 -1.52 -20.09 5.97
CA GLY A 76 -1.27 -21.37 6.60
C GLY A 76 0.06 -21.47 7.32
N GLU A 77 0.93 -20.48 7.15
CA GLU A 77 2.23 -20.50 7.81
C GLU A 77 2.26 -19.51 8.97
N PRO A 78 2.67 -19.98 10.16
CA PRO A 78 2.55 -19.16 11.38
C PRO A 78 3.47 -17.93 11.38
N GLU A 79 4.67 -18.11 10.84
CA GLU A 79 5.72 -17.11 10.74
C GLU A 79 5.50 -16.06 9.65
N LEU A 80 5.54 -14.78 10.02
CA LEU A 80 5.62 -13.73 9.00
C LEU A 80 7.08 -13.58 8.56
N MET A 81 7.31 -13.33 7.28
CA MET A 81 8.69 -13.06 6.82
C MET A 81 8.93 -11.58 6.81
N ASP A 82 9.88 -11.15 7.62
CA ASP A 82 10.20 -9.73 7.76
C ASP A 82 11.50 -9.43 7.01
N VAL A 83 11.35 -8.99 5.77
CA VAL A 83 12.48 -8.78 4.86
C VAL A 83 13.01 -7.35 4.87
N HIS A 84 14.28 -7.20 5.24
CA HIS A 84 14.94 -5.90 5.19
C HIS A 84 15.68 -5.74 3.87
N VAL A 85 15.23 -4.77 3.09
CA VAL A 85 15.79 -4.56 1.76
C VAL A 85 16.87 -3.48 1.77
N PHE A 86 18.01 -3.85 1.21
CA PHE A 86 19.18 -2.98 1.12
C PHE A 86 19.60 -2.73 -0.31
N CYS A 87 20.25 -1.58 -0.50
CA CYS A 87 20.75 -1.21 -1.80
C CYS A 87 22.20 -0.70 -1.68
N THR A 88 22.96 -0.89 -2.75
CA THR A 88 24.29 -0.26 -2.85
C THR A 88 24.59 0.05 -4.32
N ASP A 89 25.49 1.00 -4.54
CA ASP A 89 25.93 1.29 -5.89
C ASP A 89 27.35 0.81 -6.09
N SER A 90 28.20 0.99 -5.07
CA SER A 90 29.58 0.55 -5.17
C SER A 90 29.80 -0.83 -4.57
N ILE A 91 30.20 -1.78 -5.41
CA ILE A 91 30.55 -3.11 -4.92
C ILE A 91 32.02 -3.43 -5.12
N GLN A 92 32.50 -4.40 -4.36
CA GLN A 92 33.86 -4.86 -4.47
C GLN A 92 33.90 -6.26 -5.07
N GLY A 93 34.55 -6.34 -6.22
CA GLY A 93 34.75 -7.60 -6.91
C GLY A 93 33.88 -7.75 -8.14
N THR A 94 34.02 -8.91 -8.79
CA THR A 94 33.23 -9.28 -9.95
C THR A 94 32.31 -10.41 -9.49
N PRO A 95 31.01 -10.30 -9.79
CA PRO A 95 30.09 -11.30 -9.23
C PRO A 95 30.33 -12.68 -9.83
N VAL A 96 30.23 -13.73 -9.04
CA VAL A 96 30.44 -15.09 -9.53
C VAL A 96 29.30 -16.01 -9.10
N GLU A 97 29.03 -17.01 -9.92
CA GLU A 97 27.99 -17.98 -9.66
C GLU A 97 28.30 -18.76 -8.38
N SER A 98 27.27 -18.99 -7.57
CA SER A 98 27.35 -19.85 -6.37
C SER A 98 26.41 -21.02 -6.56
N ASP A 99 26.34 -21.90 -5.56
CA ASP A 99 25.38 -23.01 -5.61
C ASP A 99 23.93 -22.51 -5.56
N GLU A 100 23.70 -21.36 -4.91
CA GLU A 100 22.35 -20.79 -4.80
C GLU A 100 21.97 -19.86 -5.94
N MET A 101 22.95 -19.14 -6.50
CA MET A 101 22.63 -17.99 -7.33
C MET A 101 23.52 -17.89 -8.57
N ARG A 102 22.90 -17.61 -9.72
CA ARG A 102 23.60 -17.26 -10.95
C ARG A 102 23.40 -15.76 -11.28
N PRO A 103 24.45 -14.95 -11.06
CA PRO A 103 24.35 -13.50 -11.20
C PRO A 103 24.42 -13.02 -12.62
N CYS A 104 23.67 -11.97 -12.91
CA CYS A 104 23.65 -11.34 -14.19
C CYS A 104 23.17 -9.86 -14.07
N TRP A 105 23.77 -8.96 -14.85
CA TRP A 105 23.38 -7.57 -14.87
C TRP A 105 22.21 -7.31 -15.83
N PHE A 106 21.25 -6.49 -15.41
CA PHE A 106 20.12 -6.14 -16.27
C PHE A 106 20.03 -4.63 -16.47
N GLN A 107 19.81 -4.19 -17.71
CA GLN A 107 19.50 -2.79 -17.95
C GLN A 107 18.21 -2.45 -17.20
N LEU A 108 18.13 -1.21 -16.73
CA LEU A 108 17.02 -0.78 -15.89
C LEU A 108 15.67 -0.81 -16.59
N ASP A 109 15.66 -0.82 -17.91
CA ASP A 109 14.40 -0.94 -18.63
C ASP A 109 14.18 -2.37 -19.14
N GLN A 110 14.99 -3.31 -18.65
CA GLN A 110 14.84 -4.71 -19.05
C GLN A 110 14.79 -5.65 -17.84
N ILE A 111 14.17 -5.18 -16.77
CA ILE A 111 14.02 -5.99 -15.57
C ILE A 111 13.00 -7.13 -15.77
N PRO A 112 13.43 -8.37 -15.47
CA PRO A 112 12.63 -9.54 -15.86
C PRO A 112 11.50 -9.83 -14.90
N PHE A 113 10.55 -8.90 -14.80
CA PHE A 113 9.48 -9.01 -13.80
C PHE A 113 8.67 -10.28 -13.90
N LYS A 114 8.51 -10.84 -15.10
CA LYS A 114 7.68 -12.02 -15.21
C LYS A 114 8.41 -13.26 -14.67
N ASP A 115 9.72 -13.14 -14.48
CA ASP A 115 10.49 -14.22 -13.84
C ASP A 115 11.02 -13.80 -12.48
N MET A 116 10.28 -12.93 -11.81
CA MET A 116 10.58 -12.52 -10.45
C MET A 116 9.38 -12.76 -9.53
N TRP A 117 9.56 -12.65 -8.21
CA TRP A 117 8.41 -12.68 -7.33
C TRP A 117 7.40 -11.62 -7.78
N PRO A 118 6.11 -11.96 -7.76
CA PRO A 118 5.04 -11.05 -8.22
C PRO A 118 5.07 -9.71 -7.49
N ASP A 119 5.44 -9.76 -6.21
CA ASP A 119 5.43 -8.54 -5.42
C ASP A 119 6.45 -7.53 -5.92
N ASP A 120 7.52 -8.01 -6.54
CA ASP A 120 8.58 -7.13 -7.05
C ASP A 120 7.99 -6.08 -8.00
N SER A 121 7.01 -6.53 -8.79
CA SER A 121 6.42 -5.64 -9.79
C SER A 121 5.86 -4.40 -9.12
N TYR A 122 5.48 -4.54 -7.86
CA TYR A 122 4.92 -3.44 -7.08
C TYR A 122 5.99 -2.55 -6.45
N TRP A 123 7.01 -3.14 -5.82
CA TRP A 123 7.88 -2.28 -5.03
C TRP A 123 9.22 -1.98 -5.70
N PHE A 124 9.60 -2.78 -6.69
CA PHE A 124 10.87 -2.56 -7.38
C PHE A 124 10.96 -1.18 -8.06
N PRO A 125 9.86 -0.69 -8.68
CA PRO A 125 9.94 0.67 -9.21
C PRO A 125 10.32 1.72 -8.16
N LEU A 126 9.79 1.60 -6.94
CA LEU A 126 10.12 2.54 -5.85
C LEU A 126 11.62 2.47 -5.52
N LEU A 127 12.16 1.25 -5.55
CA LEU A 127 13.59 1.09 -5.36
C LEU A 127 14.34 1.87 -6.43
N LEU A 128 13.92 1.70 -7.69
CA LEU A 128 14.65 2.31 -8.80
C LEU A 128 14.56 3.82 -8.74
N GLN A 129 13.46 4.30 -8.18
CA GLN A 129 13.20 5.72 -8.08
C GLN A 129 13.83 6.32 -6.83
N LYS A 130 14.61 5.49 -6.14
CA LYS A 130 15.31 5.87 -4.92
C LYS A 130 14.35 6.42 -3.85
N LYS A 131 13.19 5.78 -3.72
CA LYS A 131 12.26 6.10 -2.65
C LYS A 131 12.29 5.00 -1.59
N LYS A 132 12.24 5.37 -0.30
CA LYS A 132 12.20 4.36 0.75
C LYS A 132 10.75 3.88 0.92
N PHE A 133 10.57 2.61 1.25
CA PHE A 133 9.23 2.03 1.28
C PHE A 133 8.99 1.01 2.39
N HIS A 134 7.72 0.87 2.75
CA HIS A 134 7.23 -0.24 3.57
C HIS A 134 6.15 -0.98 2.78
N GLY A 135 6.33 -2.29 2.63
CA GLY A 135 5.38 -3.13 1.93
C GLY A 135 4.88 -4.29 2.78
N TYR A 136 3.69 -4.76 2.45
CA TYR A 136 3.12 -5.94 3.05
C TYR A 136 2.43 -6.75 1.96
N PHE A 137 2.72 -8.05 1.89
CA PHE A 137 2.10 -8.90 0.87
C PHE A 137 1.62 -10.20 1.46
N LYS A 138 0.36 -10.52 1.19
CA LYS A 138 -0.21 -11.80 1.59
C LYS A 138 -0.26 -12.74 0.42
N PHE A 139 0.43 -13.87 0.52
CA PHE A 139 0.48 -14.86 -0.55
C PHE A 139 -0.35 -16.12 -0.25
N GLN A 140 -1.05 -16.63 -1.27
CA GLN A 140 -1.55 -18.00 -1.25
C GLN A 140 -0.58 -18.78 -2.14
N GLY A 141 0.24 -19.62 -1.53
CA GLY A 141 1.30 -20.26 -2.28
C GLY A 141 2.35 -19.23 -2.70
N GLN A 142 2.97 -19.45 -3.86
CA GLN A 142 4.10 -18.63 -4.28
C GLN A 142 3.81 -17.70 -5.46
N ASP A 143 2.62 -17.81 -6.04
CA ASP A 143 2.32 -17.06 -7.27
C ASP A 143 1.17 -16.07 -7.10
N THR A 144 0.41 -16.19 -6.02
CA THR A 144 -0.84 -15.41 -5.88
C THR A 144 -0.85 -14.43 -4.71
N ILE A 145 -0.87 -13.14 -5.01
CA ILE A 145 -1.02 -12.13 -3.98
C ILE A 145 -2.50 -11.92 -3.64
N LEU A 146 -2.90 -12.19 -2.40
CA LEU A 146 -4.28 -12.02 -1.97
C LEU A 146 -4.55 -10.60 -1.48
N ASP A 147 -3.67 -10.07 -0.61
CA ASP A 147 -3.75 -8.67 -0.21
C ASP A 147 -2.38 -8.03 -0.29
N TYR A 148 -2.35 -6.70 -0.37
CA TYR A 148 -1.07 -6.02 -0.16
C TYR A 148 -1.27 -4.58 0.24
N THR A 149 -0.24 -4.03 0.89
CA THR A 149 -0.14 -2.60 1.10
C THR A 149 1.25 -2.17 0.72
N LEU A 150 1.34 -0.94 0.25
CA LEU A 150 2.62 -0.34 -0.13
C LEU A 150 2.59 1.17 0.10
N ARG A 151 3.57 1.67 0.85
CA ARG A 151 3.67 3.11 1.06
C ARG A 151 5.14 3.55 1.07
N GLU A 152 5.40 4.80 0.65
CA GLU A 152 6.70 5.42 0.85
C GLU A 152 6.88 5.82 2.31
N VAL A 153 8.13 5.77 2.81
CA VAL A 153 8.44 6.20 4.16
C VAL A 153 9.67 7.12 4.19
N ASP A 154 9.85 7.87 5.28
CA ASP A 154 11.04 8.70 5.44
C ASP A 154 12.12 7.90 6.14
N THR A 155 11.70 7.05 7.07
CA THR A 155 12.60 6.17 7.79
C THR A 155 12.21 4.72 7.55
N VAL A 156 13.12 3.93 7.00
CA VAL A 156 12.82 2.52 6.79
C VAL A 156 12.66 1.76 8.11
N GLY B 2 -14.66 -4.31 -14.54
CA GLY B 2 -16.07 -4.50 -14.29
C GLY B 2 -16.84 -3.19 -14.22
N ALA B 3 -18.14 -3.27 -14.49
CA ALA B 3 -19.01 -2.08 -14.43
C ALA B 3 -19.00 -1.46 -13.04
N SER B 4 -18.73 -0.16 -12.97
CA SER B 4 -18.71 0.52 -11.70
C SER B 4 -19.52 1.82 -11.74
N ARG B 5 -19.84 2.34 -10.56
CA ARG B 5 -20.61 3.56 -10.38
C ARG B 5 -19.84 4.53 -9.48
N LEU B 6 -19.84 5.81 -9.85
CA LEU B 6 -19.08 6.83 -9.16
C LEU B 6 -19.75 7.32 -7.89
N TYR B 7 -18.96 7.41 -6.82
CA TYR B 7 -19.41 7.99 -5.56
C TYR B 7 -18.38 8.96 -5.03
N THR B 8 -18.79 9.85 -4.12
CA THR B 8 -17.89 10.79 -3.50
C THR B 8 -17.84 10.56 -2.00
N LEU B 9 -16.73 10.96 -1.40
CA LEU B 9 -16.56 10.91 0.04
C LEU B 9 -15.69 12.07 0.46
N VAL B 10 -16.19 12.87 1.40
CA VAL B 10 -15.52 14.10 1.78
C VAL B 10 -15.18 14.09 3.25
N LEU B 11 -13.90 14.28 3.56
CA LEU B 11 -13.49 14.37 4.94
C LEU B 11 -13.02 15.78 5.27
N VAL B 12 -13.68 16.40 6.24
CA VAL B 12 -13.25 17.68 6.77
C VAL B 12 -12.25 17.42 7.91
N LEU B 13 -10.97 17.63 7.63
CA LEU B 13 -9.91 17.23 8.54
C LEU B 13 -9.21 18.43 9.17
N VAL B 18 -11.56 15.88 13.25
CA VAL B 18 -12.16 15.50 11.97
C VAL B 18 -13.69 15.44 12.06
N LEU B 19 -14.36 15.94 11.02
CA LEU B 19 -15.84 15.99 11.01
C LEU B 19 -16.45 14.73 10.40
N LEU B 20 -17.36 14.09 11.11
CA LEU B 20 -18.01 12.91 10.55
C LEU B 20 -19.52 13.07 10.64
N GLY B 21 -20.24 12.27 9.87
CA GLY B 21 -21.69 12.27 9.93
C GLY B 21 -22.30 10.91 10.19
N MET B 22 -23.31 10.87 11.07
CA MET B 22 -24.07 9.66 11.35
C MET B 22 -25.23 9.53 10.37
N LYS B 23 -25.15 8.49 9.55
CA LYS B 23 -26.12 8.18 8.50
C LYS B 23 -27.41 7.65 9.10
N LYS B 24 -28.54 8.26 8.76
CA LYS B 24 -29.81 7.95 9.41
C LYS B 24 -30.68 6.91 8.67
N ARG B 25 -30.49 6.76 7.36
CA ARG B 25 -31.19 5.68 6.61
C ARG B 25 -30.31 5.32 5.40
N GLY B 26 -30.62 4.18 4.78
CA GLY B 26 -29.99 3.70 3.56
C GLY B 26 -28.66 3.02 3.74
N PHE B 27 -27.84 3.06 2.70
CA PHE B 27 -26.53 2.45 2.71
C PHE B 27 -25.68 3.07 3.82
N GLY B 28 -25.23 2.24 4.76
CA GLY B 28 -24.36 2.70 5.82
C GLY B 28 -25.07 3.37 6.99
N ALA B 29 -26.39 3.23 7.04
CA ALA B 29 -27.15 3.77 8.17
C ALA B 29 -26.65 3.20 9.50
N GLY B 30 -26.38 4.09 10.45
CA GLY B 30 -25.91 3.67 11.76
C GLY B 30 -24.40 3.76 11.91
N ARG B 31 -23.71 4.10 10.82
CA ARG B 31 -22.25 4.26 10.87
C ARG B 31 -21.83 5.69 10.63
N TRP B 32 -20.81 6.13 11.34
CA TRP B 32 -20.16 7.40 11.08
C TRP B 32 -19.38 7.33 9.77
N ASN B 33 -19.37 8.44 9.04
CA ASN B 33 -18.69 8.49 7.76
C ASN B 33 -18.46 9.92 7.30
N GLY B 34 -17.64 10.09 6.27
CA GLY B 34 -17.54 11.39 5.65
C GLY B 34 -18.80 11.62 4.85
N PHE B 35 -18.90 12.79 4.23
CA PHE B 35 -20.10 13.17 3.50
C PHE B 35 -19.92 12.90 2.02
N GLY B 36 -21.02 12.56 1.33
CA GLY B 36 -20.99 12.26 -0.08
C GLY B 36 -22.23 11.54 -0.59
N GLY B 37 -22.11 10.91 -1.75
CA GLY B 37 -23.24 10.27 -2.40
C GLY B 37 -22.92 9.98 -3.86
N LYS B 38 -23.96 9.66 -4.62
CA LYS B 38 -23.82 9.35 -6.04
C LYS B 38 -23.41 10.59 -6.82
N VAL B 39 -22.61 10.38 -7.87
CA VAL B 39 -22.27 11.47 -8.79
C VAL B 39 -23.31 11.52 -9.91
N GLN B 40 -23.85 12.70 -10.18
CA GLN B 40 -24.88 12.88 -11.20
C GLN B 40 -24.33 13.00 -12.62
N GLU B 41 -25.16 12.65 -13.59
CA GLU B 41 -24.91 13.02 -14.97
C GLU B 41 -24.83 14.54 -15.06
N GLY B 42 -23.81 15.08 -15.71
CA GLY B 42 -23.80 16.52 -15.93
C GLY B 42 -23.05 17.34 -14.91
N GLU B 43 -22.45 16.69 -13.90
CA GLU B 43 -21.63 17.38 -12.92
C GLU B 43 -20.26 16.67 -12.87
N THR B 44 -19.20 17.41 -12.55
CA THR B 44 -17.90 16.79 -12.32
C THR B 44 -17.97 16.03 -11.01
N ILE B 45 -17.01 15.14 -10.77
CA ILE B 45 -16.93 14.40 -9.51
C ILE B 45 -16.79 15.34 -8.33
N GLU B 46 -15.88 16.30 -8.44
CA GLU B 46 -15.69 17.26 -7.35
C GLU B 46 -16.96 18.09 -7.11
N ASP B 47 -17.66 18.49 -8.19
CA ASP B 47 -18.93 19.18 -8.06
C ASP B 47 -19.90 18.38 -7.24
N GLY B 48 -19.95 17.08 -7.51
CA GLY B 48 -20.81 16.19 -6.77
C GLY B 48 -20.45 16.14 -5.30
N ALA B 49 -19.15 16.05 -5.00
CA ALA B 49 -18.72 16.02 -3.60
C ALA B 49 -19.13 17.30 -2.87
N ARG B 50 -18.90 18.45 -3.49
CA ARG B 50 -19.30 19.72 -2.91
C ARG B 50 -20.83 19.76 -2.70
N ARG B 51 -21.58 19.33 -3.71
CA ARG B 51 -23.04 19.35 -3.63
C ARG B 51 -23.52 18.53 -2.42
N GLU B 52 -22.98 17.33 -2.28
CA GLU B 52 -23.40 16.44 -1.19
C GLU B 52 -22.96 16.96 0.18
N LEU B 53 -21.76 17.54 0.23
CA LEU B 53 -21.29 18.18 1.46
C LEU B 53 -22.25 19.27 1.92
N GLN B 54 -22.65 20.13 0.99
CA GLN B 54 -23.60 21.19 1.32
C GLN B 54 -24.93 20.61 1.79
N GLU B 55 -25.48 19.67 1.03
CA GLU B 55 -26.77 19.08 1.39
C GLU B 55 -26.77 18.35 2.75
N GLU B 56 -25.69 17.64 3.05
CA GLU B 56 -25.68 16.79 4.24
C GLU B 56 -25.20 17.51 5.50
N SER B 57 -24.42 18.57 5.36
CA SER B 57 -23.86 19.26 6.52
C SER B 57 -24.06 20.78 6.49
N GLY B 58 -24.52 21.29 5.34
CA GLY B 58 -24.68 22.72 5.14
C GLY B 58 -23.41 23.45 4.77
N LEU B 59 -22.27 22.74 4.78
CA LEU B 59 -21.00 23.41 4.58
C LEU B 59 -20.66 23.69 3.12
N THR B 60 -20.01 24.83 2.91
CA THR B 60 -19.40 25.14 1.63
C THR B 60 -17.90 25.26 1.88
N VAL B 61 -17.11 25.11 0.83
CA VAL B 61 -15.67 24.98 0.95
C VAL B 61 -14.95 25.80 -0.12
N ASP B 62 -13.77 26.31 0.18
CA ASP B 62 -12.99 27.03 -0.84
C ASP B 62 -12.36 26.04 -1.82
N ALA B 63 -11.55 25.14 -1.28
CA ALA B 63 -10.88 24.14 -2.10
C ALA B 63 -11.06 22.73 -1.52
N LEU B 64 -11.39 21.78 -2.39
CA LEU B 64 -11.35 20.35 -2.06
C LEU B 64 -10.11 19.75 -2.68
N HIS B 65 -9.40 18.92 -1.94
CA HIS B 65 -8.25 18.24 -2.50
C HIS B 65 -8.57 16.77 -2.75
N LYS B 66 -8.22 16.27 -3.93
CA LYS B 66 -8.34 14.82 -4.18
C LYS B 66 -7.33 14.09 -3.32
N VAL B 67 -7.77 13.21 -2.44
CA VAL B 67 -6.79 12.47 -1.65
C VAL B 67 -6.88 10.96 -1.88
N GLY B 68 -7.99 10.47 -2.45
CA GLY B 68 -8.04 9.04 -2.69
C GLY B 68 -9.05 8.54 -3.70
N GLN B 69 -8.89 7.28 -4.06
CA GLN B 69 -9.91 6.52 -4.77
C GLN B 69 -9.93 5.13 -4.17
N ILE B 70 -11.12 4.67 -3.79
CA ILE B 70 -11.31 3.33 -3.27
C ILE B 70 -12.38 2.63 -4.05
N VAL B 71 -12.06 1.42 -4.53
CA VAL B 71 -13.06 0.61 -5.20
C VAL B 71 -13.59 -0.43 -4.20
N PHE B 72 -14.90 -0.52 -4.08
CA PHE B 72 -15.51 -1.51 -3.21
C PHE B 72 -16.26 -2.50 -4.07
N GLU B 73 -15.93 -3.78 -3.92
CA GLU B 73 -16.71 -4.83 -4.54
C GLU B 73 -17.45 -5.61 -3.46
N PHE B 74 -18.74 -5.78 -3.65
CA PHE B 74 -19.55 -6.58 -2.74
C PHE B 74 -19.96 -7.90 -3.36
N VAL B 75 -19.58 -8.99 -2.71
CA VAL B 75 -19.94 -10.35 -3.13
C VAL B 75 -21.42 -10.40 -3.42
N GLY B 76 -21.78 -10.89 -4.61
CA GLY B 76 -23.17 -11.06 -4.99
C GLY B 76 -23.76 -9.84 -5.66
N GLU B 77 -23.03 -8.74 -5.64
CA GLU B 77 -23.45 -7.54 -6.37
C GLU B 77 -22.51 -7.30 -7.54
N PRO B 78 -23.06 -7.19 -8.76
CA PRO B 78 -22.25 -7.01 -9.96
C PRO B 78 -21.61 -5.62 -10.06
N GLU B 79 -22.34 -4.60 -9.62
CA GLU B 79 -21.86 -3.22 -9.72
C GLU B 79 -20.83 -2.86 -8.63
N LEU B 80 -19.67 -2.38 -9.08
CA LEU B 80 -18.62 -1.87 -8.22
C LEU B 80 -18.88 -0.43 -7.78
N MET B 81 -18.48 -0.11 -6.56
CA MET B 81 -18.55 1.27 -6.09
C MET B 81 -17.19 1.93 -6.28
N ASP B 82 -17.16 2.97 -7.09
CA ASP B 82 -15.92 3.68 -7.36
C ASP B 82 -15.94 5.00 -6.59
N VAL B 83 -15.37 4.97 -5.39
CA VAL B 83 -15.46 6.10 -4.47
C VAL B 83 -14.26 7.04 -4.59
N HIS B 84 -14.52 8.29 -4.92
CA HIS B 84 -13.49 9.30 -4.95
C HIS B 84 -13.50 10.07 -3.64
N VAL B 85 -12.38 9.98 -2.93
CA VAL B 85 -12.25 10.57 -1.60
C VAL B 85 -11.56 11.93 -1.70
N PHE B 86 -12.18 12.91 -1.06
CA PHE B 86 -11.68 14.28 -1.04
C PHE B 86 -11.44 14.72 0.40
N CYS B 87 -10.56 15.71 0.55
CA CYS B 87 -10.26 16.27 1.86
C CYS B 87 -10.27 17.80 1.87
N THR B 88 -10.66 18.37 3.00
CA THR B 88 -10.56 19.81 3.22
C THR B 88 -10.31 20.11 4.69
N ASP B 89 -9.65 21.23 4.97
CA ASP B 89 -9.49 21.71 6.34
C ASP B 89 -10.21 23.05 6.56
N SER B 90 -10.14 23.92 5.56
CA SER B 90 -10.78 25.23 5.64
C SER B 90 -12.21 25.14 5.11
N ILE B 91 -13.17 25.41 5.98
CA ILE B 91 -14.58 25.41 5.60
C ILE B 91 -15.24 26.77 5.78
N GLN B 92 -16.37 26.95 5.11
CA GLN B 92 -17.16 28.16 5.25
C GLN B 92 -18.43 27.81 5.99
N GLY B 93 -18.61 28.38 7.18
CA GLY B 93 -19.83 28.19 7.94
C GLY B 93 -19.71 27.20 9.08
N THR B 94 -20.84 26.94 9.73
CA THR B 94 -20.94 25.94 10.78
C THR B 94 -21.84 24.78 10.35
N PRO B 95 -21.40 23.53 10.55
CA PRO B 95 -22.19 22.38 10.11
C PRO B 95 -23.48 22.22 10.90
N VAL B 96 -24.54 21.80 10.22
CA VAL B 96 -25.83 21.60 10.87
C VAL B 96 -26.42 20.26 10.43
N GLU B 97 -27.23 19.67 11.30
CA GLU B 97 -27.88 18.40 10.99
C GLU B 97 -28.79 18.53 9.79
N SER B 98 -28.78 17.52 8.93
CA SER B 98 -29.77 17.43 7.84
C SER B 98 -30.54 16.13 8.02
N ASP B 99 -31.47 15.86 7.11
CA ASP B 99 -32.24 14.63 7.15
C ASP B 99 -31.39 13.39 6.85
N GLU B 100 -30.30 13.59 6.13
CA GLU B 100 -29.47 12.48 5.71
C GLU B 100 -28.44 12.12 6.79
N MET B 101 -27.95 13.14 7.47
CA MET B 101 -26.74 13.02 8.28
C MET B 101 -26.78 13.85 9.55
N ARG B 102 -26.30 13.28 10.65
CA ARG B 102 -26.10 14.09 11.85
C ARG B 102 -24.60 14.28 12.05
N PRO B 103 -24.11 15.50 11.79
CA PRO B 103 -22.67 15.78 11.85
C PRO B 103 -22.20 15.91 13.29
N CYS B 104 -20.97 15.49 13.55
CA CYS B 104 -20.35 15.62 14.86
C CYS B 104 -18.83 15.56 14.71
N TRP B 105 -18.14 16.41 15.47
CA TRP B 105 -16.69 16.47 15.43
C TRP B 105 -16.11 15.39 16.33
N PHE B 106 -15.07 14.73 15.86
CA PHE B 106 -14.35 13.76 16.66
C PHE B 106 -12.89 14.19 16.78
N GLN B 107 -12.37 14.12 18.00
CA GLN B 107 -10.94 14.31 18.22
C GLN B 107 -10.19 13.24 17.46
N LEU B 108 -9.02 13.58 16.94
CA LEU B 108 -8.28 12.64 16.10
C LEU B 108 -7.85 11.39 16.88
N ASP B 109 -7.84 11.44 18.20
CA ASP B 109 -7.46 10.24 18.96
C ASP B 109 -8.68 9.49 19.46
N GLN B 110 -9.86 9.89 19.00
CA GLN B 110 -11.10 9.21 19.37
C GLN B 110 -11.95 8.92 18.13
N ILE B 111 -11.31 8.65 17.00
CA ILE B 111 -12.06 8.35 15.79
C ILE B 111 -12.77 7.00 16.01
N PRO B 112 -14.09 6.98 15.80
CA PRO B 112 -14.96 5.86 16.22
C PRO B 112 -14.97 4.70 15.23
N PHE B 113 -13.81 4.06 15.06
CA PHE B 113 -13.66 3.05 14.02
C PHE B 113 -14.62 1.88 14.17
N LYS B 114 -14.99 1.53 15.38
CA LYS B 114 -15.87 0.40 15.53
C LYS B 114 -17.32 0.76 15.17
N ASP B 115 -17.57 2.05 14.99
CA ASP B 115 -18.87 2.53 14.47
C ASP B 115 -18.70 3.16 13.10
N MET B 116 -17.69 2.71 12.37
CA MET B 116 -17.47 3.14 10.99
C MET B 116 -17.35 1.89 10.13
N TRP B 117 -17.41 2.07 8.82
CA TRP B 117 -17.10 0.96 7.90
C TRP B 117 -15.71 0.38 8.25
N PRO B 118 -15.59 -0.96 8.27
CA PRO B 118 -14.35 -1.64 8.67
C PRO B 118 -13.11 -1.21 7.88
N ASP B 119 -13.29 -0.82 6.61
CA ASP B 119 -12.16 -0.43 5.78
C ASP B 119 -11.47 0.84 6.26
N ASP B 120 -12.21 1.71 6.95
CA ASP B 120 -11.67 3.01 7.37
C ASP B 120 -10.37 2.92 8.20
N SER B 121 -10.30 1.95 9.12
CA SER B 121 -9.11 1.79 9.95
C SER B 121 -7.88 1.47 9.09
N TYR B 122 -8.12 0.93 7.90
CA TYR B 122 -7.03 0.61 7.00
C TYR B 122 -6.50 1.86 6.32
N TRP B 123 -7.38 2.76 5.86
CA TRP B 123 -6.86 3.82 4.99
C TRP B 123 -6.77 5.20 5.66
N PHE B 124 -7.42 5.36 6.81
CA PHE B 124 -7.28 6.60 7.57
C PHE B 124 -5.82 6.94 7.96
N PRO B 125 -4.98 5.92 8.28
CA PRO B 125 -3.58 6.34 8.56
C PRO B 125 -2.97 7.15 7.41
N LEU B 126 -3.20 6.71 6.17
CA LEU B 126 -2.72 7.46 5.01
C LEU B 126 -3.38 8.83 4.87
N LEU B 127 -4.69 8.89 5.15
CA LEU B 127 -5.42 10.16 5.10
C LEU B 127 -4.78 11.17 6.05
N LEU B 128 -4.64 10.77 7.30
CA LEU B 128 -4.16 11.65 8.36
C LEU B 128 -2.71 12.10 8.11
N GLN B 129 -1.92 11.28 7.41
CA GLN B 129 -0.54 11.65 7.12
C GLN B 129 -0.45 12.50 5.85
N LYS B 130 -1.61 12.90 5.33
CA LYS B 130 -1.73 13.66 4.10
C LYS B 130 -1.05 12.96 2.92
N LYS B 131 -1.24 11.65 2.81
CA LYS B 131 -0.79 10.88 1.67
C LYS B 131 -1.95 10.50 0.74
N LYS B 132 -1.71 10.52 -0.57
CA LYS B 132 -2.70 10.11 -1.57
C LYS B 132 -2.67 8.59 -1.74
N PHE B 133 -3.84 8.00 -2.01
CA PHE B 133 -3.91 6.54 -2.05
C PHE B 133 -4.95 5.96 -3.03
N HIS B 134 -4.68 4.73 -3.46
CA HIS B 134 -5.63 3.91 -4.20
C HIS B 134 -5.93 2.65 -3.40
N GLY B 135 -7.21 2.40 -3.15
CA GLY B 135 -7.62 1.23 -2.40
C GLY B 135 -8.61 0.31 -3.12
N TYR B 136 -8.63 -0.94 -2.71
CA TYR B 136 -9.62 -1.90 -3.16
C TYR B 136 -10.02 -2.77 -2.00
N PHE B 137 -11.33 -2.92 -1.78
CA PHE B 137 -11.83 -3.79 -0.73
C PHE B 137 -12.94 -4.69 -1.26
N LYS B 138 -12.77 -5.99 -1.06
CA LYS B 138 -13.82 -6.94 -1.39
C LYS B 138 -14.54 -7.31 -0.11
N PHE B 139 -15.84 -7.00 -0.07
CA PHE B 139 -16.69 -7.23 1.10
C PHE B 139 -17.63 -8.42 0.92
N GLN B 140 -17.81 -9.16 2.01
CA GLN B 140 -18.90 -10.12 2.10
C GLN B 140 -19.93 -9.57 3.08
N GLY B 141 -21.07 -9.15 2.56
CA GLY B 141 -22.03 -8.45 3.39
C GLY B 141 -21.44 -7.12 3.80
N GLN B 142 -21.79 -6.65 4.99
CA GLN B 142 -21.46 -5.28 5.37
C GLN B 142 -20.32 -5.16 6.36
N ASP B 143 -19.91 -6.26 6.98
CA ASP B 143 -18.93 -6.19 8.05
C ASP B 143 -17.64 -6.90 7.71
N THR B 144 -17.65 -7.66 6.62
CA THR B 144 -16.57 -8.60 6.37
C THR B 144 -15.71 -8.30 5.15
N ILE B 145 -14.48 -7.89 5.39
CA ILE B 145 -13.48 -7.74 4.35
C ILE B 145 -12.83 -9.10 4.09
N LEU B 146 -12.97 -9.58 2.86
CA LEU B 146 -12.37 -10.86 2.47
C LEU B 146 -10.94 -10.65 2.01
N ASP B 147 -10.75 -9.71 1.09
CA ASP B 147 -9.40 -9.30 0.69
C ASP B 147 -9.36 -7.78 0.41
N TYR B 148 -8.15 -7.23 0.35
CA TYR B 148 -7.96 -5.82 0.05
C TYR B 148 -6.58 -5.46 -0.49
N THR B 149 -6.47 -4.31 -1.14
CA THR B 149 -5.17 -3.70 -1.47
C THR B 149 -5.20 -2.22 -1.13
N LEU B 150 -4.06 -1.68 -0.73
CA LEU B 150 -3.98 -0.26 -0.44
C LEU B 150 -2.57 0.22 -0.83
N ARG B 151 -2.50 1.20 -1.71
CA ARG B 151 -1.19 1.64 -2.19
C ARG B 151 -1.13 3.15 -2.18
N GLU B 152 -0.02 3.72 -1.73
CA GLU B 152 0.19 5.16 -1.84
C GLU B 152 0.41 5.46 -3.30
N VAL B 153 -0.10 6.61 -3.75
CA VAL B 153 0.08 7.03 -5.13
C VAL B 153 0.52 8.48 -5.20
N ASP B 154 1.05 8.87 -6.35
CA ASP B 154 1.42 10.27 -6.61
C ASP B 154 0.28 11.02 -7.28
N THR B 155 -0.46 10.30 -8.13
CA THR B 155 -1.62 10.87 -8.81
C THR B 155 -2.88 10.08 -8.45
N VAL B 156 -3.87 10.71 -7.83
CA VAL B 156 -5.12 10.03 -7.49
C VAL B 156 -5.92 9.63 -8.75
#